data_1HNN
#
_entry.id   1HNN
#
_cell.length_a   94.350
_cell.length_b   94.350
_cell.length_c   187.700
_cell.angle_alpha   90.00
_cell.angle_beta   90.00
_cell.angle_gamma   90.00
#
_symmetry.space_group_name_H-M   'P 43 21 2'
#
loop_
_entity.id
_entity.type
_entity.pdbx_description
1 polymer 'PHENYLETHANOLAMINE N-METHYLTRANSFERASE'
2 non-polymer S-ADENOSYL-L-HOMOCYSTEINE
3 non-polymer '1,2,3,4-TETRAHYDRO-ISOQUINOLINE-7-SULFONIC ACID AMIDE'
4 water water
#
_entity_poly.entity_id   1
_entity_poly.type   'polypeptide(L)'
_entity_poly.pdbx_seq_one_letter_code
;MSGADRSPNAGAAPDSAPGQAAVASAYQRFEPRAYLRNNYAPPRGDLCNPNGVGPWKLRCLAQTFATGEVSGRTLIDIGS
GPTVYQLLSACSHFEDITMTDFLEVNRQELGRWLQEEPGAFNWSMYSQHACLIEGKGECWQDKERQLRARVKRVLPIDVH
QPQPLGAGSPAPLPADALVSAFCLEAVSPDLASFQRALDHITTLLRPGGHLLLIGALEESWYLAGEARLTVVPVSEEEVR
EALVRSGYKVRDLRTYIMPAHLQTGVDDVKGVFFAWAQKVGL
;
_entity_poly.pdbx_strand_id   A,B
#
# COMPACT_ATOMS: atom_id res chain seq x y z
N ALA A 22 -20.48 4.21 22.14
CA ALA A 22 -21.81 3.61 22.04
C ALA A 22 -22.11 3.06 20.65
N VAL A 23 -21.08 2.54 19.99
CA VAL A 23 -21.25 1.95 18.66
C VAL A 23 -22.20 0.76 18.85
N ALA A 24 -21.92 -0.01 19.91
CA ALA A 24 -22.70 -1.19 20.27
C ALA A 24 -24.20 -0.94 20.13
N SER A 25 -24.63 0.26 20.49
CA SER A 25 -26.04 0.62 20.38
C SER A 25 -26.48 0.47 18.92
N ALA A 26 -25.65 0.97 18.01
CA ALA A 26 -25.94 0.88 16.59
C ALA A 26 -25.84 -0.59 16.17
N TYR A 27 -24.84 -1.29 16.70
CA TYR A 27 -24.62 -2.70 16.39
C TYR A 27 -25.77 -3.58 16.86
N GLN A 28 -26.70 -2.98 17.61
CA GLN A 28 -27.83 -3.72 18.09
C GLN A 28 -28.75 -4.00 16.92
N ARG A 29 -28.78 -3.07 15.98
CA ARG A 29 -29.63 -3.20 14.79
C ARG A 29 -28.93 -3.91 13.64
N PHE A 30 -27.72 -4.40 13.89
CA PHE A 30 -26.91 -5.11 12.88
C PHE A 30 -27.60 -6.35 12.30
N GLU A 31 -27.82 -6.35 10.99
CA GLU A 31 -28.46 -7.49 10.30
C GLU A 31 -27.41 -8.32 9.53
N PRO A 32 -27.06 -9.52 10.04
CA PRO A 32 -26.07 -10.40 9.41
C PRO A 32 -26.31 -10.71 7.92
N ARG A 33 -27.53 -11.10 7.57
CA ARG A 33 -27.84 -11.41 6.18
C ARG A 33 -27.62 -10.19 5.29
N ALA A 34 -27.93 -9.00 5.79
CA ALA A 34 -27.74 -7.78 5.02
C ALA A 34 -26.26 -7.44 4.89
N TYR A 35 -25.52 -7.67 5.96
CA TYR A 35 -24.10 -7.40 5.92
C TYR A 35 -23.49 -8.30 4.83
N LEU A 36 -23.72 -9.61 4.95
CA LEU A 36 -23.22 -10.60 3.99
C LEU A 36 -23.57 -10.26 2.55
N ARG A 37 -24.82 -9.88 2.34
CA ARG A 37 -25.31 -9.52 1.01
C ARG A 37 -24.56 -8.31 0.48
N ASN A 38 -24.30 -7.33 1.34
CA ASN A 38 -23.62 -6.12 0.92
C ASN A 38 -22.14 -6.30 0.63
N ASN A 39 -21.51 -7.24 1.34
CA ASN A 39 -20.07 -7.42 1.17
C ASN A 39 -19.51 -8.74 0.65
N TYR A 40 -20.36 -9.75 0.53
CA TYR A 40 -19.85 -11.04 0.08
C TYR A 40 -20.64 -11.70 -1.03
N ALA A 41 -21.52 -10.92 -1.65
CA ALA A 41 -22.33 -11.38 -2.78
C ALA A 41 -21.94 -10.45 -3.90
N PRO A 42 -22.12 -10.88 -5.16
CA PRO A 42 -21.77 -10.02 -6.30
C PRO A 42 -22.22 -8.58 -6.07
N PRO A 43 -21.45 -7.59 -6.54
CA PRO A 43 -20.18 -7.67 -7.27
C PRO A 43 -18.93 -7.96 -6.47
N ARG A 44 -18.94 -7.59 -5.19
CA ARG A 44 -17.76 -7.80 -4.34
C ARG A 44 -17.55 -9.27 -4.02
N GLY A 45 -18.62 -10.04 -4.06
CA GLY A 45 -18.54 -11.46 -3.78
C GLY A 45 -18.35 -12.30 -5.04
N ASP A 46 -18.12 -11.63 -6.16
CA ASP A 46 -17.89 -12.32 -7.43
C ASP A 46 -16.40 -12.59 -7.53
N LEU A 47 -15.98 -13.81 -7.17
CA LEU A 47 -14.57 -14.15 -7.22
C LEU A 47 -14.00 -14.45 -8.62
N CYS A 48 -14.85 -14.53 -9.64
N CYS A 48 -14.88 -14.47 -9.61
CA CYS A 48 -14.36 -14.84 -10.99
CA CYS A 48 -14.45 -14.64 -10.99
C CYS A 48 -13.28 -13.90 -11.50
C CYS A 48 -14.01 -13.19 -11.21
N ASN A 49 -13.47 -12.60 -11.29
N ASN A 49 -12.94 -12.98 -11.96
CA ASN A 49 -12.51 -11.61 -11.74
CA ASN A 49 -12.39 -11.63 -12.17
C ASN A 49 -11.28 -11.57 -10.83
C ASN A 49 -11.35 -11.50 -11.07
N PRO A 50 -10.08 -11.76 -11.40
CA PRO A 50 -8.88 -11.73 -10.57
C PRO A 50 -8.50 -10.38 -9.94
N ASN A 51 -9.08 -9.30 -10.46
CA ASN A 51 -8.78 -7.97 -9.94
C ASN A 51 -9.68 -7.49 -8.81
N GLY A 52 -10.61 -8.33 -8.36
CA GLY A 52 -11.50 -7.93 -7.28
C GLY A 52 -10.91 -8.09 -5.88
N VAL A 53 -11.58 -7.54 -4.88
CA VAL A 53 -11.14 -7.62 -3.49
C VAL A 53 -11.07 -9.02 -2.95
N GLY A 54 -12.08 -9.82 -3.30
CA GLY A 54 -12.16 -11.19 -2.83
C GLY A 54 -10.88 -11.91 -3.14
N PRO A 55 -10.52 -12.00 -4.43
CA PRO A 55 -9.28 -12.68 -4.81
C PRO A 55 -8.11 -12.11 -4.04
N TRP A 56 -8.04 -10.78 -4.01
CA TRP A 56 -6.97 -10.07 -3.31
C TRP A 56 -6.84 -10.53 -1.85
N LYS A 57 -7.93 -10.40 -1.09
CA LYS A 57 -7.95 -10.81 0.32
C LYS A 57 -7.44 -12.24 0.53
N LEU A 58 -8.06 -13.19 -0.18
CA LEU A 58 -7.66 -14.59 -0.06
C LEU A 58 -6.20 -14.77 -0.47
N ARG A 59 -5.76 -13.99 -1.43
CA ARG A 59 -4.38 -14.07 -1.91
C ARG A 59 -3.41 -13.63 -0.80
N CYS A 60 -3.75 -12.56 -0.08
CA CYS A 60 -2.90 -12.07 1.00
C CYS A 60 -2.83 -13.11 2.10
N LEU A 61 -3.99 -13.66 2.42
CA LEU A 61 -4.07 -14.66 3.45
C LEU A 61 -3.28 -15.91 3.07
N ALA A 62 -3.51 -16.41 1.86
CA ALA A 62 -2.83 -17.61 1.35
C ALA A 62 -1.30 -17.47 1.29
N GLN A 63 -0.82 -16.41 0.66
CA GLN A 63 0.63 -16.21 0.54
C GLN A 63 1.27 -16.18 1.92
N THR A 64 0.65 -15.48 2.85
CA THR A 64 1.19 -15.38 4.20
C THR A 64 1.39 -16.75 4.85
N PHE A 65 0.32 -17.53 5.02
CA PHE A 65 0.44 -18.85 5.63
C PHE A 65 1.37 -19.78 4.87
N ALA A 66 1.43 -19.64 3.55
CA ALA A 66 2.28 -20.49 2.73
C ALA A 66 3.77 -20.36 3.04
N THR A 67 4.16 -19.18 3.53
CA THR A 67 5.56 -18.94 3.88
C THR A 67 5.95 -19.92 4.97
N GLY A 68 4.93 -20.48 5.62
CA GLY A 68 5.13 -21.46 6.67
C GLY A 68 5.66 -20.90 7.99
N GLU A 69 5.74 -19.58 8.10
CA GLU A 69 6.24 -18.95 9.32
C GLU A 69 5.16 -18.71 10.36
N VAL A 70 3.91 -18.72 9.92
CA VAL A 70 2.80 -18.52 10.83
C VAL A 70 2.16 -19.85 11.23
N SER A 71 2.69 -20.48 12.26
CA SER A 71 2.18 -21.78 12.70
C SER A 71 2.07 -21.92 14.21
N GLY A 72 1.24 -22.86 14.63
CA GLY A 72 1.04 -23.12 16.04
C GLY A 72 -0.06 -24.14 16.24
N ARG A 73 -0.66 -24.15 17.43
CA ARG A 73 -1.72 -25.10 17.74
C ARG A 73 -3.08 -24.40 17.89
N THR A 74 -3.06 -23.22 18.50
CA THR A 74 -4.27 -22.45 18.74
C THR A 74 -4.29 -21.10 18.00
N LEU A 75 -5.47 -20.72 17.52
CA LEU A 75 -5.64 -19.47 16.80
C LEU A 75 -6.99 -18.87 17.14
N ILE A 76 -7.07 -17.55 17.16
CA ILE A 76 -8.33 -16.89 17.47
C ILE A 76 -8.71 -15.84 16.42
N ASP A 77 -9.96 -15.92 15.97
CA ASP A 77 -10.48 -14.98 14.99
C ASP A 77 -11.30 -13.99 15.82
N ILE A 78 -10.95 -12.72 15.73
CA ILE A 78 -11.60 -11.66 16.49
C ILE A 78 -12.66 -10.93 15.69
N GLY A 79 -13.89 -10.91 16.20
CA GLY A 79 -14.95 -10.23 15.51
C GLY A 79 -15.12 -10.90 14.16
N SER A 80 -15.35 -12.21 14.23
CA SER A 80 -15.54 -13.02 13.04
C SER A 80 -16.74 -12.51 12.27
N GLY A 81 -17.74 -12.01 13.00
CA GLY A 81 -18.95 -11.55 12.36
C GLY A 81 -19.61 -12.81 11.83
N PRO A 82 -20.36 -12.72 10.72
CA PRO A 82 -21.00 -13.94 10.22
C PRO A 82 -20.20 -14.61 9.09
N THR A 83 -18.93 -14.23 8.95
CA THR A 83 -18.08 -14.74 7.87
C THR A 83 -17.00 -15.75 8.26
N VAL A 84 -16.58 -16.57 7.31
CA VAL A 84 -15.57 -17.61 7.55
C VAL A 84 -14.38 -17.62 6.57
N TYR A 85 -14.45 -16.79 5.54
CA TYR A 85 -13.40 -16.74 4.53
C TYR A 85 -12.02 -16.45 5.09
N GLN A 86 -11.98 -15.67 6.17
CA GLN A 86 -10.70 -15.29 6.77
C GLN A 86 -9.94 -16.43 7.43
N LEU A 87 -10.57 -17.59 7.56
CA LEU A 87 -9.94 -18.74 8.17
C LEU A 87 -9.64 -19.86 7.16
N LEU A 88 -10.14 -19.70 5.93
CA LEU A 88 -9.98 -20.69 4.86
C LEU A 88 -8.57 -21.24 4.70
N SER A 89 -7.59 -20.36 4.53
CA SER A 89 -6.21 -20.82 4.38
C SER A 89 -5.58 -21.07 5.76
N ALA A 90 -6.15 -20.46 6.79
CA ALA A 90 -5.63 -20.61 8.13
C ALA A 90 -5.80 -22.00 8.73
N CYS A 91 -6.98 -22.57 8.62
CA CYS A 91 -7.23 -23.89 9.22
C CYS A 91 -6.17 -24.94 8.90
N SER A 92 -5.49 -24.78 7.78
N SER A 92 -5.49 -24.76 7.78
CA SER A 92 -4.44 -25.71 7.40
CA SER A 92 -4.45 -25.70 7.37
C SER A 92 -3.29 -25.74 8.40
C SER A 92 -3.27 -25.73 8.36
N HIS A 93 -3.09 -24.65 9.12
CA HIS A 93 -1.99 -24.57 10.09
C HIS A 93 -2.29 -24.55 11.59
N PHE A 94 -3.56 -24.62 11.98
CA PHE A 94 -3.88 -24.60 13.41
C PHE A 94 -5.01 -25.58 13.75
N GLU A 95 -4.73 -26.54 14.63
CA GLU A 95 -5.70 -27.56 15.01
C GLU A 95 -6.83 -27.08 15.92
N ASP A 96 -6.56 -26.05 16.71
CA ASP A 96 -7.57 -25.51 17.61
C ASP A 96 -7.91 -24.08 17.19
N ILE A 97 -9.10 -23.90 16.64
CA ILE A 97 -9.50 -22.57 16.18
C ILE A 97 -10.71 -22.05 16.93
N THR A 98 -10.60 -20.81 17.42
CA THR A 98 -11.67 -20.15 18.16
C THR A 98 -12.18 -18.93 17.42
N MET A 99 -13.48 -18.91 17.16
CA MET A 99 -14.06 -17.79 16.43
C MET A 99 -14.81 -16.92 17.41
N THR A 100 -14.88 -15.60 17.15
CA THR A 100 -15.52 -14.72 18.07
C THR A 100 -16.33 -13.59 17.51
N ASP A 101 -17.21 -13.05 18.36
CA ASP A 101 -18.02 -11.92 18.00
C ASP A 101 -18.93 -11.38 19.08
N PHE A 102 -18.98 -10.05 19.15
CA PHE A 102 -19.77 -9.32 20.13
C PHE A 102 -21.27 -9.64 20.06
N LEU A 103 -21.82 -9.67 18.85
CA LEU A 103 -23.25 -9.93 18.67
C LEU A 103 -23.64 -11.41 18.64
N GLU A 104 -24.69 -11.76 19.38
CA GLU A 104 -25.15 -13.13 19.40
C GLU A 104 -25.67 -13.50 18.01
N VAL A 105 -26.38 -12.58 17.38
CA VAL A 105 -26.93 -12.82 16.04
C VAL A 105 -25.85 -13.40 15.12
N ASN A 106 -24.67 -12.80 15.11
CA ASN A 106 -23.60 -13.30 14.27
C ASN A 106 -23.14 -14.67 14.72
N ARG A 107 -22.82 -14.83 16.00
CA ARG A 107 -22.38 -16.14 16.50
C ARG A 107 -23.35 -17.23 16.04
N GLN A 108 -24.63 -16.88 15.96
CA GLN A 108 -25.64 -17.82 15.54
C GLN A 108 -25.57 -18.03 14.03
N GLU A 109 -25.31 -16.96 13.28
CA GLU A 109 -25.21 -17.07 11.83
C GLU A 109 -24.04 -17.96 11.45
N LEU A 110 -22.96 -17.91 12.24
CA LEU A 110 -21.80 -18.75 11.98
C LEU A 110 -22.24 -20.19 12.25
N GLY A 111 -22.85 -20.40 13.41
CA GLY A 111 -23.32 -21.73 13.79
C GLY A 111 -24.03 -22.45 12.67
N ARG A 112 -24.91 -21.75 11.94
CA ARG A 112 -25.64 -22.34 10.83
C ARG A 112 -24.70 -22.99 9.81
N TRP A 113 -23.59 -22.31 9.53
CA TRP A 113 -22.61 -22.81 8.58
C TRP A 113 -21.76 -23.92 9.18
N LEU A 114 -21.35 -23.75 10.44
CA LEU A 114 -20.54 -24.76 11.10
C LEU A 114 -21.28 -26.10 11.24
N GLN A 115 -22.55 -26.04 11.62
CA GLN A 115 -23.35 -27.24 11.80
C GLN A 115 -24.18 -27.59 10.56
N GLU A 116 -23.95 -26.84 9.49
CA GLU A 116 -24.66 -27.07 8.23
C GLU A 116 -26.18 -27.00 8.39
N GLU A 117 -26.62 -26.01 9.15
CA GLU A 117 -28.04 -25.79 9.39
C GLU A 117 -28.72 -25.17 8.17
N PRO A 118 -30.06 -25.15 8.16
CA PRO A 118 -30.82 -24.58 7.04
C PRO A 118 -30.62 -23.06 6.97
N GLY A 119 -30.49 -22.56 5.75
CA GLY A 119 -30.33 -21.12 5.56
C GLY A 119 -28.94 -20.59 5.78
N ALA A 120 -27.99 -21.47 6.08
CA ALA A 120 -26.61 -21.04 6.27
C ALA A 120 -26.16 -20.27 5.04
N PHE A 121 -25.08 -19.51 5.18
CA PHE A 121 -24.56 -18.75 4.03
C PHE A 121 -23.73 -19.68 3.16
N ASN A 122 -23.73 -19.43 1.85
CA ASN A 122 -22.96 -20.24 0.93
C ASN A 122 -21.57 -19.66 0.66
N TRP A 123 -20.54 -20.29 1.20
CA TRP A 123 -19.17 -19.81 1.01
C TRP A 123 -18.39 -20.56 -0.07
N SER A 124 -19.10 -21.32 -0.91
CA SER A 124 -18.48 -22.10 -1.99
C SER A 124 -17.49 -21.32 -2.83
N MET A 125 -17.92 -20.19 -3.38
N MET A 125 -17.92 -20.19 -3.38
CA MET A 125 -17.03 -19.38 -4.20
CA MET A 125 -17.05 -19.39 -4.21
C MET A 125 -15.71 -19.13 -3.50
C MET A 125 -15.72 -19.09 -3.50
N TYR A 126 -15.79 -18.81 -2.20
CA TYR A 126 -14.60 -18.51 -1.42
C TYR A 126 -13.76 -19.75 -1.12
N SER A 127 -14.40 -20.85 -0.76
CA SER A 127 -13.66 -22.10 -0.47
C SER A 127 -12.91 -22.48 -1.74
N GLN A 128 -13.64 -22.51 -2.84
CA GLN A 128 -13.09 -22.85 -4.13
C GLN A 128 -11.85 -22.05 -4.49
N HIS A 129 -11.96 -20.73 -4.47
N HIS A 129 -11.96 -20.73 -4.47
CA HIS A 129 -10.84 -19.87 -4.82
CA HIS A 129 -10.82 -19.90 -4.82
C HIS A 129 -9.66 -20.06 -3.86
C HIS A 129 -9.65 -20.04 -3.85
N ALA A 130 -9.94 -20.33 -2.59
CA ALA A 130 -8.86 -20.53 -1.61
C ALA A 130 -8.09 -21.76 -2.09
N CYS A 131 -8.85 -22.75 -2.58
CA CYS A 131 -8.24 -23.98 -3.09
C CYS A 131 -7.41 -23.68 -4.34
N LEU A 132 -7.94 -22.86 -5.25
CA LEU A 132 -7.19 -22.49 -6.45
C LEU A 132 -5.86 -21.86 -6.09
N ILE A 133 -5.92 -20.78 -5.31
CA ILE A 133 -4.70 -20.08 -4.90
C ILE A 133 -3.72 -20.98 -4.15
N GLU A 134 -4.23 -21.83 -3.26
CA GLU A 134 -3.33 -22.70 -2.51
C GLU A 134 -2.56 -23.70 -3.38
N GLY A 135 -3.24 -24.32 -4.36
CA GLY A 135 -2.57 -25.26 -5.25
C GLY A 135 -2.23 -26.67 -4.75
N LYS A 136 -2.97 -27.18 -3.78
CA LYS A 136 -2.71 -28.52 -3.28
C LYS A 136 -3.72 -29.48 -3.90
N GLY A 137 -4.38 -29.01 -4.96
CA GLY A 137 -5.37 -29.84 -5.62
C GLY A 137 -6.49 -30.28 -4.70
N GLU A 138 -6.67 -29.57 -3.60
CA GLU A 138 -7.73 -29.88 -2.64
C GLU A 138 -9.06 -29.37 -3.17
N CYS A 139 -10.13 -30.09 -2.84
CA CYS A 139 -11.46 -29.69 -3.29
C CYS A 139 -12.05 -28.84 -2.17
N TRP A 140 -12.95 -27.93 -2.54
CA TRP A 140 -13.55 -27.06 -1.55
C TRP A 140 -14.31 -27.81 -0.46
N GLN A 141 -14.93 -28.93 -0.80
CA GLN A 141 -15.66 -29.68 0.21
C GLN A 141 -14.72 -30.11 1.35
N ASP A 142 -13.52 -30.55 1.00
CA ASP A 142 -12.55 -30.99 2.00
C ASP A 142 -12.05 -29.85 2.87
N LYS A 143 -11.82 -28.68 2.26
CA LYS A 143 -11.35 -27.53 3.02
C LYS A 143 -12.44 -27.08 3.98
N GLU A 144 -13.68 -27.00 3.51
CA GLU A 144 -14.77 -26.59 4.39
C GLU A 144 -14.96 -27.58 5.53
N ARG A 145 -14.81 -28.87 5.25
CA ARG A 145 -14.96 -29.89 6.30
C ARG A 145 -13.79 -29.82 7.28
N GLN A 146 -12.61 -29.44 6.79
CA GLN A 146 -11.43 -29.30 7.64
C GLN A 146 -11.59 -28.06 8.56
N LEU A 147 -12.04 -26.95 7.99
CA LEU A 147 -12.24 -25.74 8.76
C LEU A 147 -13.28 -26.03 9.82
N ARG A 148 -14.45 -26.51 9.38
CA ARG A 148 -15.52 -26.85 10.31
C ARG A 148 -15.00 -27.72 11.44
N ALA A 149 -14.07 -28.61 11.11
CA ALA A 149 -13.50 -29.52 12.10
C ALA A 149 -12.58 -28.84 13.10
N ARG A 150 -11.79 -27.86 12.66
CA ARG A 150 -10.87 -27.20 13.56
C ARG A 150 -11.42 -26.01 14.35
N VAL A 151 -12.67 -25.65 14.07
CA VAL A 151 -13.32 -24.56 14.80
C VAL A 151 -13.99 -25.25 16.00
N LYS A 152 -13.41 -25.05 17.17
CA LYS A 152 -13.91 -25.68 18.38
C LYS A 152 -15.09 -24.95 19.03
N ARG A 153 -15.05 -23.61 19.07
CA ARG A 153 -16.14 -22.85 19.67
C ARG A 153 -16.30 -21.43 19.16
N VAL A 154 -17.50 -20.90 19.28
CA VAL A 154 -17.82 -19.53 18.87
C VAL A 154 -18.12 -18.73 20.15
N LEU A 155 -17.15 -17.92 20.56
CA LEU A 155 -17.24 -17.15 21.79
C LEU A 155 -17.57 -15.65 21.68
N PRO A 156 -18.39 -15.14 22.61
CA PRO A 156 -18.72 -13.71 22.56
C PRO A 156 -17.44 -12.98 22.98
N ILE A 157 -17.25 -11.77 22.45
CA ILE A 157 -16.05 -11.00 22.74
C ILE A 157 -16.35 -9.50 22.66
N ASP A 158 -15.48 -8.72 23.30
CA ASP A 158 -15.58 -7.26 23.31
C ASP A 158 -14.17 -6.70 23.34
N VAL A 159 -13.73 -6.14 22.22
CA VAL A 159 -12.38 -5.60 22.15
C VAL A 159 -12.18 -4.37 23.03
N HIS A 160 -13.29 -3.82 23.52
CA HIS A 160 -13.23 -2.63 24.36
C HIS A 160 -12.85 -2.96 25.81
N GLN A 161 -13.05 -4.21 26.22
CA GLN A 161 -12.69 -4.65 27.56
C GLN A 161 -11.19 -4.95 27.51
N PRO A 162 -10.45 -4.58 28.58
CA PRO A 162 -9.01 -4.83 28.60
C PRO A 162 -8.70 -6.33 28.55
N GLN A 163 -9.70 -7.12 28.96
CA GLN A 163 -9.63 -8.57 28.93
C GLN A 163 -10.83 -8.94 28.04
N PRO A 164 -10.66 -8.88 26.70
CA PRO A 164 -11.65 -9.17 25.67
C PRO A 164 -12.72 -10.18 26.07
N LEU A 165 -13.80 -9.65 26.66
CA LEU A 165 -14.94 -10.41 27.18
C LEU A 165 -14.57 -11.86 27.54
N GLY A 166 -13.42 -12.03 28.18
CA GLY A 166 -12.96 -13.34 28.59
C GLY A 166 -12.39 -13.33 30.00
N ALA A 167 -13.26 -13.49 30.98
CA ALA A 167 -12.85 -13.54 32.39
C ALA A 167 -12.12 -14.88 32.54
N GLY A 168 -12.83 -15.95 32.22
CA GLY A 168 -12.27 -17.29 32.27
C GLY A 168 -12.82 -18.01 31.04
N SER A 169 -12.32 -17.63 29.87
CA SER A 169 -12.77 -18.21 28.59
C SER A 169 -12.15 -19.54 28.26
N PRO A 170 -12.95 -20.44 27.68
CA PRO A 170 -12.55 -21.80 27.27
C PRO A 170 -11.39 -21.74 26.28
N ALA A 171 -11.32 -20.62 25.56
CA ALA A 171 -10.29 -20.39 24.55
C ALA A 171 -8.88 -20.59 25.12
N PRO A 172 -8.05 -21.36 24.42
CA PRO A 172 -6.68 -21.59 24.90
C PRO A 172 -5.87 -20.31 24.84
N LEU A 173 -5.38 -19.86 26.00
CA LEU A 173 -4.57 -18.65 26.06
C LEU A 173 -3.18 -19.01 26.55
N PRO A 174 -2.14 -18.34 26.02
CA PRO A 174 -2.28 -17.28 25.01
C PRO A 174 -2.22 -17.95 23.63
N ALA A 175 -3.19 -17.63 22.78
CA ALA A 175 -3.26 -18.20 21.43
C ALA A 175 -1.92 -18.05 20.70
N ASP A 176 -1.65 -18.97 19.78
CA ASP A 176 -0.41 -18.95 19.00
C ASP A 176 -0.44 -17.92 17.88
N ALA A 177 -1.64 -17.49 17.50
CA ALA A 177 -1.81 -16.49 16.44
C ALA A 177 -3.21 -15.86 16.48
N LEU A 178 -3.33 -14.69 15.87
CA LEU A 178 -4.59 -13.97 15.81
C LEU A 178 -4.91 -13.51 14.40
N VAL A 179 -6.21 -13.49 14.08
CA VAL A 179 -6.69 -13.02 12.78
C VAL A 179 -7.88 -12.11 13.02
N SER A 180 -7.90 -10.95 12.37
CA SER A 180 -9.04 -10.06 12.54
C SER A 180 -9.33 -9.32 11.25
N ALA A 181 -10.58 -9.33 10.81
CA ALA A 181 -10.96 -8.66 9.58
C ALA A 181 -12.11 -7.69 9.77
N PHE A 182 -11.89 -6.44 9.38
CA PHE A 182 -12.90 -5.38 9.48
C PHE A 182 -13.56 -5.26 10.86
N CYS A 183 -12.79 -5.40 11.93
CA CYS A 183 -13.39 -5.28 13.25
C CYS A 183 -13.01 -3.99 13.97
N LEU A 184 -11.76 -3.90 14.40
CA LEU A 184 -11.25 -2.74 15.12
C LEU A 184 -11.74 -1.38 14.62
N GLU A 185 -11.47 -1.06 13.35
CA GLU A 185 -11.91 0.23 12.81
C GLU A 185 -13.41 0.39 12.70
N ALA A 186 -14.16 -0.68 12.88
CA ALA A 186 -15.60 -0.59 12.78
C ALA A 186 -16.28 -0.62 14.14
N VAL A 187 -15.49 -0.74 15.20
CA VAL A 187 -16.05 -0.78 16.55
C VAL A 187 -15.49 0.33 17.44
N SER A 188 -14.54 1.09 16.90
CA SER A 188 -13.95 2.18 17.65
C SER A 188 -14.30 3.50 16.95
N PRO A 189 -14.77 4.52 17.70
CA PRO A 189 -15.16 5.83 17.18
C PRO A 189 -14.04 6.80 16.81
N ASP A 190 -12.81 6.51 17.23
CA ASP A 190 -11.69 7.39 16.90
C ASP A 190 -10.39 6.62 16.92
N LEU A 191 -9.32 7.27 16.48
CA LEU A 191 -8.03 6.62 16.42
C LEU A 191 -7.54 6.02 17.75
N ALA A 192 -7.85 6.67 18.86
CA ALA A 192 -7.41 6.18 20.17
C ALA A 192 -8.15 4.91 20.59
N SER A 193 -9.47 4.88 20.40
CA SER A 193 -10.26 3.70 20.75
C SER A 193 -9.64 2.58 19.94
N PHE A 194 -9.34 2.88 18.68
CA PHE A 194 -8.73 1.94 17.77
C PHE A 194 -7.45 1.39 18.41
N GLN A 195 -6.51 2.29 18.69
CA GLN A 195 -5.23 1.92 19.30
C GLN A 195 -5.38 1.08 20.55
N ARG A 196 -6.24 1.51 21.46
CA ARG A 196 -6.43 0.77 22.70
C ARG A 196 -7.03 -0.61 22.44
N ALA A 197 -8.02 -0.69 21.54
CA ALA A 197 -8.65 -1.97 21.22
C ALA A 197 -7.59 -2.94 20.69
N LEU A 198 -6.65 -2.42 19.91
CA LEU A 198 -5.58 -3.25 19.37
C LEU A 198 -4.76 -3.77 20.54
N ASP A 199 -4.52 -2.91 21.53
CA ASP A 199 -3.76 -3.30 22.71
C ASP A 199 -4.47 -4.43 23.43
N HIS A 200 -5.77 -4.27 23.62
CA HIS A 200 -6.57 -5.27 24.31
C HIS A 200 -6.42 -6.67 23.73
N ILE A 201 -6.63 -6.81 22.42
CA ILE A 201 -6.53 -8.11 21.78
C ILE A 201 -5.09 -8.61 21.78
N THR A 202 -4.14 -7.71 21.61
CA THR A 202 -2.73 -8.11 21.59
C THR A 202 -2.30 -8.93 22.79
N THR A 203 -2.92 -8.66 23.95
CA THR A 203 -2.60 -9.37 25.19
C THR A 203 -2.94 -10.86 25.06
N LEU A 204 -3.92 -11.16 24.21
CA LEU A 204 -4.38 -12.52 23.95
C LEU A 204 -3.34 -13.32 23.16
N LEU A 205 -2.37 -12.59 22.59
CA LEU A 205 -1.34 -13.20 21.75
C LEU A 205 0.01 -13.46 22.40
N ARG A 206 0.44 -14.71 22.29
CA ARG A 206 1.71 -15.20 22.81
C ARG A 206 2.84 -14.36 22.20
N PRO A 207 3.86 -14.00 23.01
CA PRO A 207 4.94 -13.20 22.43
C PRO A 207 5.55 -14.02 21.31
N GLY A 208 6.05 -13.35 20.27
CA GLY A 208 6.61 -14.08 19.15
C GLY A 208 5.48 -14.59 18.27
N GLY A 209 4.25 -14.30 18.70
CA GLY A 209 3.06 -14.72 17.96
C GLY A 209 2.85 -13.90 16.70
N HIS A 210 1.89 -14.31 15.88
CA HIS A 210 1.62 -13.60 14.62
C HIS A 210 0.20 -13.08 14.53
N LEU A 211 0.06 -11.89 13.97
CA LEU A 211 -1.26 -11.29 13.79
C LEU A 211 -1.50 -11.01 12.31
N LEU A 212 -2.71 -11.33 11.86
CA LEU A 212 -3.11 -11.09 10.49
C LEU A 212 -4.32 -10.19 10.59
N LEU A 213 -4.11 -8.93 10.21
CA LEU A 213 -5.16 -7.91 10.28
C LEU A 213 -5.59 -7.44 8.91
N ILE A 214 -6.90 -7.38 8.73
CA ILE A 214 -7.50 -6.93 7.48
C ILE A 214 -8.59 -5.94 7.87
N GLY A 215 -8.65 -4.81 7.18
CA GLY A 215 -9.68 -3.84 7.50
C GLY A 215 -9.89 -2.79 6.42
N ALA A 216 -10.88 -1.92 6.66
CA ALA A 216 -11.21 -0.84 5.71
C ALA A 216 -10.21 0.32 5.82
N LEU A 217 -9.97 0.99 4.71
CA LEU A 217 -9.06 2.12 4.67
C LEU A 217 -9.87 3.37 4.33
N GLU A 218 -9.78 4.38 5.19
CA GLU A 218 -10.48 5.64 5.00
C GLU A 218 -11.98 5.48 4.94
N GLU A 219 -12.53 4.59 5.76
CA GLU A 219 -13.98 4.39 5.77
C GLU A 219 -14.61 5.11 6.98
N SER A 220 -15.76 5.76 6.78
CA SER A 220 -16.41 6.45 7.89
C SER A 220 -17.76 5.85 8.28
N TRP A 221 -18.43 5.19 7.34
CA TRP A 221 -19.72 4.54 7.59
C TRP A 221 -19.93 3.35 6.66
N TYR A 222 -20.78 2.41 7.08
CA TYR A 222 -21.14 1.27 6.25
C TYR A 222 -22.44 0.74 6.82
N LEU A 223 -23.36 0.36 5.95
CA LEU A 223 -24.65 -0.13 6.38
C LEU A 223 -24.63 -1.60 6.72
N ALA A 224 -25.74 -2.09 7.25
CA ALA A 224 -25.86 -3.49 7.62
C ALA A 224 -27.33 -3.69 7.97
N GLY A 225 -28.18 -3.48 6.99
CA GLY A 225 -29.60 -3.61 7.22
C GLY A 225 -30.02 -2.27 7.78
N GLU A 226 -30.72 -2.28 8.91
CA GLU A 226 -31.16 -1.03 9.52
C GLU A 226 -30.03 -0.38 10.32
N ALA A 227 -28.93 -1.11 10.51
CA ALA A 227 -27.80 -0.56 11.24
C ALA A 227 -26.97 0.32 10.31
N ARG A 228 -26.60 1.50 10.79
CA ARG A 228 -25.80 2.45 10.04
C ARG A 228 -24.62 2.77 10.95
N LEU A 229 -23.54 2.02 10.81
CA LEU A 229 -22.35 2.18 11.64
C LEU A 229 -21.47 3.37 11.31
N THR A 230 -21.05 4.09 12.35
CA THR A 230 -20.16 5.24 12.22
C THR A 230 -18.78 4.71 12.59
N VAL A 231 -17.81 4.90 11.71
CA VAL A 231 -16.50 4.37 11.98
C VAL A 231 -15.32 5.33 11.77
N VAL A 232 -14.15 4.89 12.22
CA VAL A 232 -12.92 5.68 12.14
C VAL A 232 -12.15 5.49 10.86
N PRO A 233 -12.06 6.53 10.03
CA PRO A 233 -11.31 6.39 8.79
C PRO A 233 -9.81 6.38 9.09
N VAL A 234 -9.16 5.24 8.86
CA VAL A 234 -7.73 5.12 9.10
C VAL A 234 -6.96 4.96 7.81
N SER A 235 -5.68 5.27 7.86
CA SER A 235 -4.82 5.17 6.69
C SER A 235 -3.81 4.04 6.91
N GLU A 236 -3.12 3.65 5.85
CA GLU A 236 -2.13 2.60 5.96
C GLU A 236 -1.07 3.00 6.98
N GLU A 237 -0.70 4.27 6.96
CA GLU A 237 0.29 4.79 7.88
C GLU A 237 -0.18 4.75 9.32
N GLU A 238 -1.44 5.13 9.55
CA GLU A 238 -2.00 5.12 10.89
C GLU A 238 -2.05 3.69 11.43
N VAL A 239 -2.39 2.75 10.56
CA VAL A 239 -2.43 1.34 10.95
C VAL A 239 -1.03 0.87 11.32
N ARG A 240 -0.07 1.15 10.44
CA ARG A 240 1.32 0.76 10.70
C ARG A 240 1.78 1.28 12.07
N GLU A 241 1.68 2.59 12.27
CA GLU A 241 2.07 3.22 13.52
C GLU A 241 1.37 2.52 14.68
N ALA A 242 0.07 2.27 14.53
CA ALA A 242 -0.70 1.60 15.57
C ALA A 242 -0.13 0.23 15.90
N LEU A 243 0.19 -0.56 14.88
CA LEU A 243 0.73 -1.88 15.11
C LEU A 243 2.03 -1.76 15.89
N VAL A 244 2.89 -0.84 15.44
CA VAL A 244 4.18 -0.60 16.06
C VAL A 244 4.02 -0.17 17.52
N ARG A 245 3.12 0.77 17.76
CA ARG A 245 2.89 1.24 19.12
C ARG A 245 2.55 0.04 20.00
N SER A 246 1.70 -0.86 19.51
CA SER A 246 1.31 -2.02 20.31
C SER A 246 2.38 -3.10 20.43
N GLY A 247 3.58 -2.87 19.92
CA GLY A 247 4.63 -3.85 20.07
C GLY A 247 4.75 -4.95 19.04
N TYR A 248 4.47 -4.62 17.78
CA TYR A 248 4.59 -5.59 16.69
C TYR A 248 5.66 -5.14 15.71
N LYS A 249 6.31 -6.09 15.05
CA LYS A 249 7.24 -5.70 14.00
C LYS A 249 6.31 -5.93 12.80
N VAL A 250 6.16 -4.92 11.96
CA VAL A 250 5.27 -5.09 10.82
C VAL A 250 5.99 -5.90 9.74
N ARG A 251 5.60 -7.18 9.65
CA ARG A 251 6.20 -8.15 8.71
C ARG A 251 5.78 -7.85 7.27
N ASP A 252 4.51 -7.50 7.09
CA ASP A 252 3.99 -7.17 5.77
C ASP A 252 2.71 -6.35 5.89
N LEU A 253 2.63 -5.28 5.10
CA LEU A 253 1.46 -4.41 5.10
C LEU A 253 1.19 -3.98 3.66
N ARG A 254 0.01 -4.32 3.14
CA ARG A 254 -0.37 -3.99 1.76
C ARG A 254 -1.75 -3.37 1.69
N THR A 255 -2.00 -2.65 0.59
CA THR A 255 -3.29 -2.02 0.39
C THR A 255 -3.87 -2.23 -1.01
N TYR A 256 -5.17 -2.45 -1.02
CA TYR A 256 -5.93 -2.66 -2.25
C TYR A 256 -6.83 -1.46 -2.42
N ILE A 257 -6.67 -0.70 -3.50
CA ILE A 257 -7.55 0.45 -3.71
C ILE A 257 -8.87 -0.06 -4.34
N MET A 258 -10.00 0.38 -3.81
CA MET A 258 -11.29 -0.06 -4.32
C MET A 258 -11.65 0.48 -5.69
N PRO A 259 -11.92 -0.41 -6.65
CA PRO A 259 -12.27 0.03 -8.00
C PRO A 259 -13.67 0.60 -7.97
N ALA A 260 -13.97 1.46 -8.92
CA ALA A 260 -15.29 2.07 -9.01
C ALA A 260 -16.42 1.04 -9.07
N HIS A 261 -16.22 -0.06 -9.81
N HIS A 261 -16.20 -0.05 -9.80
CA HIS A 261 -17.28 -1.05 -9.90
CA HIS A 261 -17.21 -1.09 -9.93
C HIS A 261 -17.58 -1.72 -8.56
C HIS A 261 -17.56 -1.73 -8.58
N LEU A 262 -16.62 -1.71 -7.64
CA LEU A 262 -16.86 -2.32 -6.33
C LEU A 262 -17.33 -1.29 -5.29
N GLN A 263 -17.41 -0.04 -5.73
CA GLN A 263 -17.87 1.05 -4.87
C GLN A 263 -19.36 1.16 -5.00
N THR A 264 -20.08 0.48 -4.12
CA THR A 264 -21.53 0.53 -4.18
C THR A 264 -22.03 1.54 -3.14
N GLY A 265 -23.31 1.50 -2.81
CA GLY A 265 -23.83 2.44 -1.84
C GLY A 265 -23.92 1.93 -0.41
N VAL A 266 -23.23 0.84 -0.10
CA VAL A 266 -23.27 0.25 1.25
C VAL A 266 -22.21 0.83 2.18
N ASP A 267 -21.41 1.74 1.66
CA ASP A 267 -20.37 2.34 2.47
C ASP A 267 -19.56 3.31 1.64
N ASP A 268 -18.45 3.77 2.20
CA ASP A 268 -17.60 4.69 1.47
C ASP A 268 -16.12 4.29 1.57
N VAL A 269 -15.87 2.98 1.63
CA VAL A 269 -14.48 2.50 1.71
C VAL A 269 -13.70 3.13 0.58
N LYS A 270 -12.40 3.26 0.78
CA LYS A 270 -11.53 3.82 -0.24
C LYS A 270 -10.56 2.73 -0.67
N GLY A 271 -10.26 1.83 0.27
CA GLY A 271 -9.35 0.74 -0.01
C GLY A 271 -9.47 -0.27 1.12
N VAL A 272 -8.74 -1.37 1.00
CA VAL A 272 -8.74 -2.41 2.03
C VAL A 272 -7.27 -2.67 2.32
N PHE A 273 -6.92 -2.88 3.57
CA PHE A 273 -5.52 -3.12 3.90
C PHE A 273 -5.33 -4.49 4.51
N PHE A 274 -4.12 -5.04 4.33
CA PHE A 274 -3.78 -6.32 4.91
C PHE A 274 -2.48 -6.14 5.68
N ALA A 275 -2.46 -6.62 6.92
CA ALA A 275 -1.25 -6.52 7.74
C ALA A 275 -0.87 -7.85 8.39
N TRP A 276 0.42 -8.16 8.33
CA TRP A 276 0.97 -9.36 8.95
C TRP A 276 1.93 -8.81 9.99
N ALA A 277 1.59 -9.02 11.26
CA ALA A 277 2.43 -8.49 12.34
C ALA A 277 2.94 -9.56 13.32
N GLN A 278 4.06 -9.25 13.96
CA GLN A 278 4.66 -10.14 14.94
C GLN A 278 4.76 -9.53 16.32
N LYS A 279 4.14 -10.18 17.32
CA LYS A 279 4.23 -9.68 18.69
C LYS A 279 5.69 -9.92 19.02
N VAL A 280 6.48 -8.84 18.91
CA VAL A 280 7.91 -8.91 19.17
C VAL A 280 8.23 -9.21 20.62
N GLY A 281 8.79 -10.39 20.85
CA GLY A 281 9.17 -10.80 22.19
C GLY A 281 10.58 -10.27 22.48
N LEU A 282 10.69 -9.39 23.46
CA LEU A 282 11.98 -8.80 23.82
C LEU A 282 12.20 -8.73 25.33
N PRO B 14 6.26 -8.29 -28.85
CA PRO B 14 5.79 -7.58 -30.04
C PRO B 14 6.66 -6.38 -30.39
N ASP B 15 6.10 -5.47 -31.19
CA ASP B 15 6.81 -4.27 -31.60
C ASP B 15 6.77 -3.26 -30.44
N SER B 16 7.93 -2.66 -30.13
CA SER B 16 8.00 -1.69 -29.04
C SER B 16 7.99 -0.24 -29.54
N ALA B 17 8.64 0.01 -30.68
CA ALA B 17 8.74 1.34 -31.27
C ALA B 17 7.43 2.15 -31.36
N PRO B 18 6.32 1.48 -31.73
CA PRO B 18 5.02 2.17 -31.86
C PRO B 18 4.53 2.87 -30.60
N GLY B 19 4.51 2.14 -29.49
CA GLY B 19 4.06 2.71 -28.23
C GLY B 19 4.98 3.85 -27.81
N GLN B 20 6.28 3.56 -27.82
CA GLN B 20 7.27 4.56 -27.46
C GLN B 20 7.06 5.84 -28.26
N ALA B 21 7.03 5.69 -29.57
CA ALA B 21 6.85 6.81 -30.49
C ALA B 21 5.65 7.67 -30.15
N ALA B 22 4.60 7.05 -29.61
CA ALA B 22 3.39 7.76 -29.21
C ALA B 22 3.72 8.63 -27.99
N VAL B 23 4.35 7.98 -27.01
CA VAL B 23 4.77 8.65 -25.78
C VAL B 23 5.68 9.82 -26.14
N ALA B 24 6.76 9.52 -26.87
CA ALA B 24 7.70 10.58 -27.27
C ALA B 24 6.97 11.73 -27.95
N SER B 25 5.92 11.39 -28.68
CA SER B 25 5.12 12.40 -29.37
C SER B 25 4.36 13.22 -28.35
N ALA B 26 3.64 12.54 -27.46
CA ALA B 26 2.85 13.19 -26.44
C ALA B 26 3.66 14.21 -25.61
N TYR B 27 4.83 13.79 -25.16
CA TYR B 27 5.70 14.63 -24.34
C TYR B 27 6.28 15.86 -25.03
N GLN B 28 6.11 15.94 -26.34
CA GLN B 28 6.61 17.10 -27.04
C GLN B 28 5.77 18.32 -26.71
N ARG B 29 4.60 18.11 -26.12
CA ARG B 29 3.71 19.20 -25.76
C ARG B 29 3.63 19.38 -24.24
N PHE B 30 4.59 18.80 -23.53
CA PHE B 30 4.68 18.86 -22.06
C PHE B 30 5.09 20.26 -21.62
N GLU B 31 4.32 20.85 -20.70
CA GLU B 31 4.60 22.19 -20.17
C GLU B 31 5.05 22.16 -18.70
N PRO B 32 6.37 22.27 -18.44
CA PRO B 32 6.91 22.23 -17.08
C PRO B 32 6.15 23.12 -16.11
N ARG B 33 6.02 24.40 -16.46
CA ARG B 33 5.33 25.33 -15.57
C ARG B 33 3.91 24.87 -15.22
N ALA B 34 3.17 24.42 -16.22
CA ALA B 34 1.81 23.95 -16.00
C ALA B 34 1.85 22.71 -15.10
N TYR B 35 2.81 21.83 -15.39
CA TYR B 35 3.00 20.61 -14.62
C TYR B 35 3.29 20.93 -13.16
N LEU B 36 4.26 21.83 -12.93
CA LEU B 36 4.65 22.27 -11.59
C LEU B 36 3.46 22.84 -10.82
N ARG B 37 2.74 23.74 -11.48
CA ARG B 37 1.56 24.36 -10.90
C ARG B 37 0.50 23.33 -10.51
N ASN B 38 0.27 22.34 -11.39
CA ASN B 38 -0.74 21.34 -11.11
C ASN B 38 -0.38 20.36 -10.01
N ASN B 39 0.91 20.12 -9.84
CA ASN B 39 1.34 19.13 -8.85
C ASN B 39 2.12 19.59 -7.64
N TYR B 40 2.81 20.72 -7.76
CA TYR B 40 3.62 21.18 -6.65
C TYR B 40 3.21 22.49 -6.02
N ALA B 41 2.06 23.01 -6.44
CA ALA B 41 1.54 24.24 -5.88
C ALA B 41 0.34 23.75 -5.09
N PRO B 42 -0.20 24.60 -4.20
CA PRO B 42 -1.36 24.17 -3.42
C PRO B 42 -2.55 23.83 -4.33
N PRO B 43 -3.45 22.94 -3.86
CA PRO B 43 -3.42 22.23 -2.58
C PRO B 43 -2.47 21.04 -2.47
N ARG B 44 -1.92 20.58 -3.59
CA ARG B 44 -0.99 19.44 -3.53
C ARG B 44 0.39 19.88 -3.04
N GLY B 45 0.72 21.15 -3.29
CA GLY B 45 1.99 21.69 -2.86
C GLY B 45 1.91 22.39 -1.51
N ASP B 46 0.83 22.13 -0.78
CA ASP B 46 0.64 22.71 0.54
C ASP B 46 1.12 21.67 1.53
N LEU B 47 2.31 21.90 2.09
CA LEU B 47 2.87 20.96 3.03
C LEU B 47 2.37 21.21 4.47
N CYS B 48 1.46 22.16 4.61
CA CYS B 48 0.93 22.47 5.95
C CYS B 48 0.11 21.30 6.46
N ASN B 49 -0.85 20.84 5.66
CA ASN B 49 -1.70 19.71 6.07
C ASN B 49 -0.83 18.48 6.26
N PRO B 50 -0.73 18.01 7.51
CA PRO B 50 0.08 16.83 7.86
C PRO B 50 -0.29 15.56 7.09
N ASN B 51 -1.54 15.46 6.63
N ASN B 51 -1.55 15.50 6.65
CA ASN B 51 -1.93 14.27 5.91
CA ASN B 51 -2.04 14.34 5.93
C ASN B 51 -2.20 14.49 4.42
C ASN B 51 -2.26 14.58 4.44
N GLY B 52 -1.34 15.29 3.80
CA GLY B 52 -1.46 15.56 2.38
C GLY B 52 -0.42 14.73 1.67
N VAL B 53 -0.33 14.82 0.34
CA VAL B 53 0.66 14.02 -0.39
C VAL B 53 2.08 14.47 -0.12
N GLY B 54 2.35 15.76 -0.36
CA GLY B 54 3.68 16.31 -0.18
C GLY B 54 4.34 15.80 1.09
N PRO B 55 3.68 15.99 2.23
CA PRO B 55 4.23 15.53 3.51
C PRO B 55 4.53 14.03 3.47
N TRP B 56 3.56 13.25 2.98
CA TRP B 56 3.71 11.80 2.87
C TRP B 56 4.93 11.40 2.04
N LYS B 57 5.11 12.01 0.87
CA LYS B 57 6.27 11.69 0.04
C LYS B 57 7.56 11.99 0.79
N LEU B 58 7.71 13.24 1.23
CA LEU B 58 8.89 13.66 1.99
C LEU B 58 9.15 12.75 3.18
N ARG B 59 8.07 12.37 3.87
CA ARG B 59 8.21 11.49 5.01
C ARG B 59 8.84 10.16 4.58
N CYS B 60 8.30 9.54 3.53
CA CYS B 60 8.82 8.26 3.03
C CYS B 60 10.29 8.37 2.68
N LEU B 61 10.65 9.42 1.95
CA LEU B 61 12.03 9.61 1.57
C LEU B 61 12.91 9.79 2.81
N ALA B 62 12.53 10.75 3.66
CA ALA B 62 13.29 11.04 4.88
C ALA B 62 13.50 9.81 5.76
N GLN B 63 12.39 9.16 6.11
CA GLN B 63 12.45 7.95 6.94
C GLN B 63 13.39 6.90 6.38
N THR B 64 13.40 6.74 5.06
CA THR B 64 14.24 5.72 4.44
C THR B 64 15.73 6.05 4.54
N PHE B 65 16.12 7.28 4.23
CA PHE B 65 17.53 7.61 4.34
C PHE B 65 17.91 7.69 5.82
N ALA B 66 16.91 7.87 6.67
CA ALA B 66 17.15 7.97 8.11
C ALA B 66 17.73 6.67 8.68
N THR B 67 17.48 5.56 8.00
CA THR B 67 18.00 4.28 8.47
C THR B 67 19.50 4.15 8.20
N GLY B 68 20.03 5.06 7.38
CA GLY B 68 21.45 5.02 7.06
C GLY B 68 21.85 3.84 6.20
N GLU B 69 20.87 3.06 5.75
CA GLU B 69 21.15 1.90 4.91
C GLU B 69 21.29 2.25 3.44
N VAL B 70 20.90 3.47 3.07
CA VAL B 70 20.98 3.93 1.69
C VAL B 70 22.03 5.05 1.58
N SER B 71 23.22 4.70 1.13
CA SER B 71 24.30 5.66 0.99
C SER B 71 25.33 5.19 -0.03
N GLY B 72 26.33 6.02 -0.27
CA GLY B 72 27.37 5.70 -1.22
C GLY B 72 27.90 6.99 -1.81
N ARG B 73 28.60 6.91 -2.93
CA ARG B 73 29.14 8.12 -3.53
C ARG B 73 28.21 8.62 -4.60
N THR B 74 27.64 7.68 -5.34
CA THR B 74 26.78 8.01 -6.47
C THR B 74 25.28 7.74 -6.39
N LEU B 75 24.51 8.69 -6.92
CA LEU B 75 23.06 8.55 -6.97
C LEU B 75 22.56 9.15 -8.26
N ILE B 76 21.57 8.49 -8.87
CA ILE B 76 20.98 8.99 -10.11
C ILE B 76 19.48 9.10 -10.00
N ASP B 77 18.97 10.26 -10.42
CA ASP B 77 17.55 10.52 -10.40
C ASP B 77 17.10 10.29 -11.84
N ILE B 78 16.19 9.33 -12.01
CA ILE B 78 15.65 8.93 -13.31
C ILE B 78 14.38 9.68 -13.63
N GLY B 79 14.41 10.46 -14.71
CA GLY B 79 13.22 11.21 -15.10
C GLY B 79 12.88 12.26 -14.07
N SER B 80 13.88 13.08 -13.74
CA SER B 80 13.76 14.15 -12.77
C SER B 80 12.60 15.09 -13.09
N GLY B 81 12.45 15.39 -14.38
CA GLY B 81 11.42 16.32 -14.79
C GLY B 81 11.89 17.69 -14.36
N PRO B 82 10.98 18.59 -13.95
CA PRO B 82 11.40 19.92 -13.53
C PRO B 82 11.38 20.01 -12.00
N THR B 83 11.38 18.86 -11.33
CA THR B 83 11.31 18.85 -9.87
C THR B 83 12.60 18.48 -9.17
N VAL B 84 12.66 18.86 -7.90
CA VAL B 84 13.84 18.67 -7.08
C VAL B 84 13.56 18.07 -5.68
N TYR B 85 12.31 18.12 -5.24
CA TYR B 85 11.94 17.61 -3.91
C TYR B 85 12.36 16.17 -3.60
N GLN B 86 12.47 15.35 -4.63
CA GLN B 86 12.84 13.94 -4.45
C GLN B 86 14.28 13.75 -4.03
N LEU B 87 15.05 14.83 -4.11
CA LEU B 87 16.46 14.80 -3.75
C LEU B 87 16.76 15.45 -2.38
N LEU B 88 15.77 16.17 -1.84
CA LEU B 88 15.94 16.88 -0.56
C LEU B 88 16.60 16.09 0.58
N SER B 89 16.03 14.96 0.96
CA SER B 89 16.62 14.17 2.03
C SER B 89 17.74 13.26 1.57
N ALA B 90 17.91 13.13 0.25
CA ALA B 90 18.96 12.26 -0.26
C ALA B 90 20.27 13.01 -0.33
N CYS B 91 20.17 14.33 -0.55
CA CYS B 91 21.33 15.21 -0.64
C CYS B 91 22.37 14.85 0.39
N SER B 92 21.94 14.81 1.65
CA SER B 92 22.83 14.51 2.76
C SER B 92 23.38 13.09 2.83
N HIS B 93 23.36 12.35 1.72
CA HIS B 93 23.86 10.96 1.72
C HIS B 93 24.67 10.56 0.51
N PHE B 94 24.81 11.46 -0.47
CA PHE B 94 25.58 11.14 -1.66
C PHE B 94 26.39 12.34 -2.09
N GLU B 95 27.68 12.14 -2.34
CA GLU B 95 28.54 13.24 -2.76
C GLU B 95 28.28 13.65 -4.21
N ASP B 96 27.90 12.68 -5.04
CA ASP B 96 27.66 12.94 -6.47
C ASP B 96 26.24 12.57 -6.91
N ILE B 97 25.48 13.57 -7.31
CA ILE B 97 24.12 13.33 -7.76
C ILE B 97 23.97 13.72 -9.21
N THR B 98 23.31 12.85 -9.97
CA THR B 98 23.05 13.08 -11.38
C THR B 98 21.54 13.17 -11.56
N MET B 99 21.09 14.21 -12.26
CA MET B 99 19.66 14.34 -12.53
C MET B 99 19.53 14.08 -14.02
N THR B 100 18.35 13.66 -14.45
CA THR B 100 18.17 13.33 -15.86
C THR B 100 16.75 13.53 -16.31
N ASP B 101 16.57 13.74 -17.62
CA ASP B 101 15.24 13.82 -18.21
C ASP B 101 15.23 13.82 -19.74
N PHE B 102 14.14 13.28 -20.28
CA PHE B 102 13.93 13.16 -21.72
C PHE B 102 13.79 14.51 -22.38
N LEU B 103 12.91 15.34 -21.83
CA LEU B 103 12.65 16.68 -22.33
C LEU B 103 13.72 17.65 -21.88
N GLU B 104 14.22 18.45 -22.81
CA GLU B 104 15.24 19.41 -22.47
C GLU B 104 14.60 20.63 -21.84
N VAL B 105 13.32 20.86 -22.13
CA VAL B 105 12.63 22.00 -21.53
C VAL B 105 12.63 21.81 -20.02
N ASN B 106 12.67 20.54 -19.59
CA ASN B 106 12.68 20.22 -18.17
C ASN B 106 14.11 20.41 -17.65
N ARG B 107 15.09 19.95 -18.42
CA ARG B 107 16.48 20.10 -18.01
C ARG B 107 16.84 21.59 -17.83
N GLN B 108 16.10 22.45 -18.52
CA GLN B 108 16.32 23.90 -18.42
C GLN B 108 15.64 24.42 -17.16
N GLU B 109 14.46 23.88 -16.89
CA GLU B 109 13.72 24.29 -15.72
C GLU B 109 14.60 23.97 -14.51
N LEU B 110 15.32 22.85 -14.59
CA LEU B 110 16.23 22.43 -13.53
C LEU B 110 17.44 23.32 -13.59
N GLY B 111 17.76 23.78 -14.78
CA GLY B 111 18.91 24.66 -14.95
C GLY B 111 18.63 26.02 -14.36
N ARG B 112 17.36 26.43 -14.34
CA ARG B 112 17.03 27.73 -13.76
C ARG B 112 17.17 27.66 -12.25
N TRP B 113 16.75 26.57 -11.65
CA TRP B 113 16.84 26.43 -10.21
C TRP B 113 18.30 26.37 -9.82
N LEU B 114 19.09 25.63 -10.60
CA LEU B 114 20.51 25.47 -10.34
C LEU B 114 21.22 26.82 -10.31
N GLN B 115 20.85 27.71 -11.21
CA GLN B 115 21.46 29.04 -11.27
C GLN B 115 20.80 29.96 -10.24
N GLU B 116 19.85 29.40 -9.50
CA GLU B 116 19.13 30.16 -8.50
C GLU B 116 18.53 31.44 -9.07
N GLU B 117 17.90 31.34 -10.23
CA GLU B 117 17.29 32.50 -10.86
C GLU B 117 15.91 32.75 -10.27
N PRO B 118 15.44 34.01 -10.31
CA PRO B 118 14.13 34.37 -9.76
C PRO B 118 13.00 33.60 -10.47
N GLY B 119 13.06 33.57 -11.79
CA GLY B 119 12.04 32.88 -12.57
C GLY B 119 11.85 31.42 -12.18
N ALA B 120 12.93 30.78 -11.74
CA ALA B 120 12.88 29.38 -11.34
C ALA B 120 11.74 29.09 -10.36
N PHE B 121 11.33 27.84 -10.29
CA PHE B 121 10.27 27.42 -9.38
C PHE B 121 10.81 27.49 -7.96
N ASN B 122 10.00 27.99 -7.04
CA ASN B 122 10.42 28.09 -5.65
C ASN B 122 10.07 26.84 -4.83
N TRP B 123 11.09 26.10 -4.44
CA TRP B 123 10.90 24.87 -3.66
C TRP B 123 11.03 25.04 -2.15
N SER B 124 11.08 26.29 -1.70
CA SER B 124 11.23 26.61 -0.29
C SER B 124 10.30 25.84 0.65
N MET B 125 9.03 25.71 0.27
N MET B 125 9.04 25.71 0.27
CA MET B 125 8.09 24.97 1.11
CA MET B 125 8.10 24.99 1.12
C MET B 125 8.56 23.54 1.31
C MET B 125 8.55 23.54 1.31
N TYR B 126 9.03 22.91 0.24
CA TYR B 126 9.50 21.53 0.33
C TYR B 126 10.83 21.47 1.10
N SER B 127 11.73 22.41 0.81
CA SER B 127 13.01 22.47 1.51
C SER B 127 12.78 22.61 3.01
N GLN B 128 11.87 23.50 3.39
CA GLN B 128 11.55 23.76 4.79
C GLN B 128 11.03 22.50 5.47
N HIS B 129 10.01 21.89 4.85
CA HIS B 129 9.43 20.69 5.43
C HIS B 129 10.47 19.58 5.57
N ALA B 130 11.32 19.42 4.57
CA ALA B 130 12.34 18.37 4.66
C ALA B 130 13.24 18.62 5.88
N CYS B 131 13.71 19.86 6.03
CA CYS B 131 14.57 20.23 7.18
C CYS B 131 13.80 19.95 8.45
N LEU B 132 12.50 20.26 8.39
CA LEU B 132 11.60 20.06 9.50
C LEU B 132 11.57 18.57 9.88
N ILE B 133 11.34 17.72 8.89
CA ILE B 133 11.26 16.28 9.11
C ILE B 133 12.57 15.62 9.52
N GLU B 134 13.67 16.07 8.92
CA GLU B 134 14.98 15.52 9.21
C GLU B 134 15.49 15.81 10.62
N GLY B 135 14.94 16.85 11.26
CA GLY B 135 15.30 17.20 12.62
C GLY B 135 16.74 17.57 12.97
N LYS B 136 17.50 18.05 11.99
CA LYS B 136 18.89 18.45 12.24
C LYS B 136 18.90 19.95 12.49
N GLY B 137 17.71 20.54 12.54
CA GLY B 137 17.61 21.98 12.76
C GLY B 137 18.26 22.79 11.64
N GLU B 138 18.35 22.22 10.45
CA GLU B 138 18.96 22.90 9.30
C GLU B 138 17.95 23.86 8.69
N CYS B 139 18.44 24.97 8.15
CA CYS B 139 17.54 25.93 7.53
C CYS B 139 17.42 25.52 6.08
N TRP B 140 16.24 25.78 5.50
CA TRP B 140 16.01 25.39 4.12
C TRP B 140 17.03 25.96 3.15
N GLN B 141 17.38 27.23 3.29
CA GLN B 141 18.35 27.81 2.39
C GLN B 141 19.73 27.12 2.40
N ASP B 142 20.08 26.49 3.51
CA ASP B 142 21.37 25.79 3.54
C ASP B 142 21.20 24.47 2.81
N LYS B 143 20.01 23.89 2.94
CA LYS B 143 19.69 22.63 2.29
C LYS B 143 19.74 22.78 0.76
N GLU B 144 19.11 23.82 0.23
CA GLU B 144 19.10 24.05 -1.20
C GLU B 144 20.47 24.41 -1.76
N ARG B 145 21.29 25.08 -0.97
CA ARG B 145 22.63 25.47 -1.42
C ARG B 145 23.45 24.19 -1.55
N GLN B 146 23.27 23.30 -0.59
CA GLN B 146 23.98 22.03 -0.57
C GLN B 146 23.55 21.13 -1.75
N LEU B 147 22.25 20.99 -1.96
CA LEU B 147 21.76 20.18 -3.06
C LEU B 147 22.30 20.72 -4.38
N ARG B 148 22.24 22.04 -4.56
CA ARG B 148 22.74 22.65 -5.78
C ARG B 148 24.21 22.29 -6.03
N ALA B 149 24.98 22.12 -4.96
CA ALA B 149 26.39 21.80 -5.10
C ALA B 149 26.61 20.33 -5.42
N ARG B 150 25.76 19.48 -4.85
CA ARG B 150 25.86 18.04 -5.06
C ARG B 150 25.36 17.55 -6.42
N VAL B 151 24.59 18.37 -7.12
CA VAL B 151 24.10 17.99 -8.45
C VAL B 151 25.21 18.27 -9.46
N LYS B 152 25.92 17.22 -9.86
CA LYS B 152 27.05 17.31 -10.78
C LYS B 152 26.77 17.36 -12.29
N ARG B 153 25.53 17.09 -12.68
CA ARG B 153 25.17 17.13 -14.09
C ARG B 153 23.71 16.78 -14.31
N VAL B 154 23.14 17.36 -15.35
CA VAL B 154 21.77 17.14 -15.74
C VAL B 154 21.84 16.51 -17.13
N LEU B 155 21.67 15.19 -17.17
CA LEU B 155 21.78 14.43 -18.41
C LEU B 155 20.47 14.05 -19.08
N PRO B 156 20.47 13.99 -20.42
CA PRO B 156 19.26 13.61 -21.16
C PRO B 156 19.16 12.10 -20.97
N ILE B 157 17.95 11.57 -20.98
CA ILE B 157 17.79 10.13 -20.76
C ILE B 157 16.56 9.55 -21.44
N ASP B 158 16.66 8.27 -21.81
CA ASP B 158 15.52 7.57 -22.42
C ASP B 158 15.42 6.22 -21.73
N VAL B 159 14.40 6.11 -20.90
CA VAL B 159 14.16 4.89 -20.14
C VAL B 159 13.87 3.67 -21.00
N HIS B 160 13.46 3.90 -22.25
CA HIS B 160 13.13 2.81 -23.14
C HIS B 160 14.33 2.19 -23.89
N GLN B 161 15.48 2.88 -23.90
CA GLN B 161 16.67 2.33 -24.54
C GLN B 161 17.28 1.29 -23.61
N PRO B 162 18.09 0.36 -24.13
CA PRO B 162 18.69 -0.65 -23.25
C PRO B 162 19.77 -0.01 -22.40
N GLN B 163 20.29 1.11 -22.89
CA GLN B 163 21.29 1.91 -22.19
C GLN B 163 20.63 3.29 -22.11
N PRO B 164 19.82 3.52 -21.06
CA PRO B 164 19.10 4.78 -20.84
C PRO B 164 19.90 6.07 -21.00
N LEU B 165 21.16 6.07 -20.55
CA LEU B 165 22.00 7.27 -20.66
C LEU B 165 22.86 7.27 -21.92
N GLY B 166 22.76 6.19 -22.70
CA GLY B 166 23.57 6.10 -23.90
C GLY B 166 24.85 5.35 -23.57
N ALA B 167 25.68 5.15 -24.59
N ALA B 167 25.62 5.03 -24.61
CA ALA B 167 26.95 4.51 -24.39
CA ALA B 167 26.85 4.24 -24.47
C ALA B 167 27.90 5.67 -24.12
C ALA B 167 27.93 4.79 -23.56
N GLY B 168 28.93 5.41 -23.32
N GLY B 168 28.58 5.87 -24.00
CA GLY B 168 29.90 6.45 -23.02
CA GLY B 168 29.64 6.47 -23.22
C GLY B 168 29.35 7.61 -22.20
C GLY B 168 29.13 7.66 -22.44
N SER B 169 28.25 7.39 -21.48
CA SER B 169 27.65 8.42 -20.66
C SER B 169 28.64 8.94 -19.63
N PRO B 170 28.61 10.26 -19.39
CA PRO B 170 29.48 10.96 -18.44
C PRO B 170 29.20 10.52 -17.01
N ALA B 171 27.97 10.06 -16.80
CA ALA B 171 27.54 9.61 -15.49
C ALA B 171 28.45 8.53 -14.94
N PRO B 172 28.80 8.63 -13.65
CA PRO B 172 29.66 7.60 -13.11
C PRO B 172 28.79 6.36 -12.99
N LEU B 173 29.26 5.25 -13.55
CA LEU B 173 28.52 3.99 -13.47
C LEU B 173 29.40 2.91 -12.87
N PRO B 174 28.80 1.98 -12.11
CA PRO B 174 27.36 2.03 -11.84
C PRO B 174 27.07 2.89 -10.61
N ALA B 175 25.87 3.46 -10.56
CA ALA B 175 25.45 4.29 -9.44
C ALA B 175 25.23 3.45 -8.18
N ASP B 176 25.47 4.04 -7.01
CA ASP B 176 25.28 3.32 -5.75
C ASP B 176 23.80 3.27 -5.40
N ALA B 177 23.05 4.21 -5.95
CA ALA B 177 21.63 4.26 -5.69
C ALA B 177 20.89 4.97 -6.82
N LEU B 178 19.58 4.78 -6.86
CA LEU B 178 18.74 5.40 -7.87
C LEU B 178 17.44 5.85 -7.25
N VAL B 179 16.91 6.95 -7.77
N VAL B 179 16.91 6.95 -7.76
CA VAL B 179 15.64 7.49 -7.32
CA VAL B 179 15.63 7.47 -7.30
C VAL B 179 14.85 7.82 -8.57
C VAL B 179 14.85 7.84 -8.55
N SER B 180 13.54 7.62 -8.52
CA SER B 180 12.71 7.93 -9.67
C SER B 180 11.32 8.18 -9.16
N ALA B 181 10.79 9.35 -9.47
CA ALA B 181 9.46 9.66 -9.00
C ALA B 181 8.57 9.99 -10.17
N PHE B 182 7.46 9.26 -10.28
CA PHE B 182 6.47 9.45 -11.32
C PHE B 182 7.00 9.42 -12.76
N CYS B 183 8.01 8.61 -13.01
CA CYS B 183 8.54 8.53 -14.36
C CYS B 183 7.98 7.33 -15.14
N LEU B 184 8.47 6.13 -14.81
CA LEU B 184 8.05 4.92 -15.47
C LEU B 184 6.56 4.82 -15.81
N GLU B 185 5.69 4.70 -14.81
CA GLU B 185 4.26 4.60 -15.12
C GLU B 185 3.75 5.64 -16.11
N ALA B 186 4.37 6.81 -16.11
CA ALA B 186 3.90 7.87 -16.99
C ALA B 186 4.60 7.93 -18.34
N VAL B 187 5.42 6.94 -18.62
CA VAL B 187 6.15 6.96 -19.87
C VAL B 187 6.11 5.65 -20.67
N SER B 188 5.58 4.59 -20.06
CA SER B 188 5.50 3.32 -20.76
C SER B 188 4.02 2.98 -20.99
N PRO B 189 3.65 2.71 -22.27
CA PRO B 189 2.32 2.37 -22.79
C PRO B 189 1.59 1.24 -22.10
N ASP B 190 2.28 0.12 -21.90
CA ASP B 190 1.67 -1.03 -21.25
C ASP B 190 2.58 -1.60 -20.16
N LEU B 191 2.00 -2.45 -19.30
CA LEU B 191 2.75 -3.05 -18.22
C LEU B 191 4.03 -3.76 -18.64
N ALA B 192 4.09 -4.20 -19.89
CA ALA B 192 5.27 -4.90 -20.41
C ALA B 192 6.39 -3.90 -20.66
N SER B 193 6.01 -2.70 -21.10
CA SER B 193 6.95 -1.61 -21.37
C SER B 193 7.54 -1.14 -20.03
N PHE B 194 6.68 -1.16 -19.01
CA PHE B 194 7.04 -0.78 -17.65
C PHE B 194 8.18 -1.69 -17.18
N GLN B 195 7.96 -3.00 -17.27
CA GLN B 195 8.96 -3.98 -16.88
C GLN B 195 10.27 -3.70 -17.60
N ARG B 196 10.21 -3.60 -18.92
CA ARG B 196 11.41 -3.36 -19.72
C ARG B 196 12.12 -2.08 -19.27
N ALA B 197 11.32 -1.04 -19.05
CA ALA B 197 11.86 0.24 -18.61
C ALA B 197 12.57 0.04 -17.25
N LEU B 198 11.93 -0.70 -16.35
CA LEU B 198 12.52 -0.97 -15.05
C LEU B 198 13.82 -1.76 -15.17
N ASP B 199 13.87 -2.72 -16.09
CA ASP B 199 15.08 -3.53 -16.30
C ASP B 199 16.24 -2.71 -16.84
N HIS B 200 15.93 -1.77 -17.73
CA HIS B 200 16.96 -0.90 -18.32
C HIS B 200 17.60 -0.03 -17.20
N ILE B 201 16.72 0.59 -16.42
CA ILE B 201 17.09 1.45 -15.30
C ILE B 201 17.99 0.68 -14.35
N THR B 202 17.56 -0.54 -14.02
CA THR B 202 18.27 -1.42 -13.11
C THR B 202 19.66 -1.77 -13.60
N THR B 203 19.94 -1.39 -14.83
CA THR B 203 21.23 -1.64 -15.43
C THR B 203 22.25 -0.65 -14.87
N LEU B 204 21.78 0.55 -14.54
CA LEU B 204 22.61 1.64 -14.03
C LEU B 204 22.99 1.49 -12.57
N LEU B 205 22.26 0.66 -11.84
CA LEU B 205 22.49 0.46 -10.41
C LEU B 205 23.43 -0.69 -10.09
N ARG B 206 24.38 -0.48 -9.19
CA ARG B 206 25.30 -1.56 -8.83
C ARG B 206 24.56 -2.63 -8.04
N PRO B 207 25.04 -3.88 -8.10
CA PRO B 207 24.36 -4.93 -7.34
C PRO B 207 24.48 -4.59 -5.86
N GLY B 208 23.41 -4.83 -5.10
CA GLY B 208 23.44 -4.50 -3.70
C GLY B 208 23.02 -3.04 -3.53
N GLY B 209 22.70 -2.41 -4.67
CA GLY B 209 22.28 -1.02 -4.64
C GLY B 209 20.84 -0.87 -4.17
N HIS B 210 20.40 0.37 -4.07
CA HIS B 210 19.04 0.65 -3.62
C HIS B 210 18.31 1.52 -4.62
N LEU B 211 17.02 1.28 -4.73
CA LEU B 211 16.19 2.08 -5.62
C LEU B 211 15.02 2.60 -4.79
N LEU B 212 14.70 3.88 -4.98
CA LEU B 212 13.56 4.45 -4.27
C LEU B 212 12.60 4.86 -5.38
N LEU B 213 11.45 4.20 -5.42
CA LEU B 213 10.47 4.45 -6.45
C LEU B 213 9.19 5.08 -5.93
N ILE B 214 8.80 6.16 -6.57
CA ILE B 214 7.55 6.85 -6.23
C ILE B 214 6.76 6.92 -7.54
N GLY B 215 5.47 6.60 -7.50
CA GLY B 215 4.68 6.68 -8.72
C GLY B 215 3.19 6.77 -8.50
N ALA B 216 2.47 7.08 -9.58
CA ALA B 216 1.01 7.20 -9.55
C ALA B 216 0.39 5.82 -9.50
N LEU B 217 -0.68 5.69 -8.73
CA LEU B 217 -1.37 4.40 -8.59
C LEU B 217 -2.73 4.46 -9.26
N GLU B 218 -2.95 3.53 -10.21
CA GLU B 218 -4.21 3.42 -10.93
C GLU B 218 -4.59 4.71 -11.68
N GLU B 219 -3.65 5.26 -12.42
CA GLU B 219 -3.89 6.48 -13.17
C GLU B 219 -3.74 6.24 -14.68
N SER B 220 -4.68 6.76 -15.46
CA SER B 220 -4.64 6.57 -16.91
C SER B 220 -4.30 7.85 -17.67
N TRP B 221 -4.41 9.00 -17.02
CA TRP B 221 -4.09 10.27 -17.66
C TRP B 221 -3.79 11.39 -16.66
N TYR B 222 -3.11 12.42 -17.16
CA TYR B 222 -2.79 13.60 -16.36
C TYR B 222 -2.40 14.71 -17.32
N LEU B 223 -2.69 15.95 -16.95
CA LEU B 223 -2.38 17.10 -17.79
C LEU B 223 -1.03 17.75 -17.46
N ALA B 224 -0.43 18.33 -18.50
CA ALA B 224 0.84 19.02 -18.39
C ALA B 224 0.72 20.25 -19.29
N GLY B 225 -0.39 20.96 -19.11
CA GLY B 225 -0.67 22.14 -19.90
C GLY B 225 -1.60 21.73 -21.04
N GLU B 226 -1.11 21.93 -22.26
CA GLU B 226 -1.88 21.55 -23.44
C GLU B 226 -1.99 20.03 -23.45
N ALA B 227 -0.83 19.40 -23.27
CA ALA B 227 -0.70 17.94 -23.30
C ALA B 227 -1.45 17.12 -22.23
N ARG B 228 -2.47 16.38 -22.66
CA ARG B 228 -3.21 15.48 -21.77
C ARG B 228 -2.54 14.14 -22.06
N LEU B 229 -1.74 13.66 -21.12
CA LEU B 229 -1.01 12.40 -21.32
C LEU B 229 -1.71 11.15 -20.81
N THR B 230 -1.85 10.17 -21.69
CA THR B 230 -2.46 8.91 -21.34
C THR B 230 -1.31 8.06 -20.85
N VAL B 231 -1.54 7.37 -19.73
CA VAL B 231 -0.51 6.53 -19.13
C VAL B 231 -1.12 5.21 -18.68
N VAL B 232 -0.27 4.22 -18.47
CA VAL B 232 -0.73 2.89 -18.05
C VAL B 232 -0.99 2.81 -16.55
N PRO B 233 -2.25 2.62 -16.14
CA PRO B 233 -2.49 2.54 -14.70
C PRO B 233 -1.87 1.24 -14.16
N VAL B 234 -1.17 1.34 -13.04
CA VAL B 234 -0.55 0.17 -12.43
C VAL B 234 -1.01 0.10 -10.98
N SER B 235 -0.96 -1.09 -10.40
CA SER B 235 -1.38 -1.28 -9.01
C SER B 235 -0.11 -1.53 -8.21
N GLU B 236 -0.24 -1.62 -6.88
CA GLU B 236 0.96 -1.85 -6.11
C GLU B 236 1.42 -3.29 -6.29
N GLU B 237 0.48 -4.22 -6.47
CA GLU B 237 0.85 -5.61 -6.70
C GLU B 237 1.71 -5.65 -7.96
N GLU B 238 1.25 -4.97 -9.01
CA GLU B 238 1.99 -4.93 -10.26
C GLU B 238 3.39 -4.34 -10.04
N VAL B 239 3.49 -3.27 -9.25
CA VAL B 239 4.78 -2.65 -8.97
C VAL B 239 5.67 -3.60 -8.18
N ARG B 240 5.08 -4.32 -7.24
CA ARG B 240 5.86 -5.25 -6.43
C ARG B 240 6.46 -6.32 -7.35
N GLU B 241 5.60 -6.90 -8.19
CA GLU B 241 6.00 -7.95 -9.13
C GLU B 241 7.11 -7.49 -10.06
N ALA B 242 6.96 -6.29 -10.61
CA ALA B 242 7.97 -5.75 -11.52
C ALA B 242 9.33 -5.66 -10.85
N LEU B 243 9.34 -5.23 -9.60
CA LEU B 243 10.58 -5.09 -8.85
C LEU B 243 11.23 -6.45 -8.64
N VAL B 244 10.45 -7.43 -8.21
CA VAL B 244 10.97 -8.78 -8.00
C VAL B 244 11.54 -9.29 -9.33
N ARG B 245 10.72 -9.22 -10.37
CA ARG B 245 11.15 -9.66 -11.70
C ARG B 245 12.44 -8.98 -12.14
N SER B 246 12.68 -7.75 -11.67
CA SER B 246 13.89 -7.06 -12.07
C SER B 246 15.06 -7.44 -11.20
N GLY B 247 14.78 -8.24 -10.17
CA GLY B 247 15.85 -8.70 -9.29
C GLY B 247 16.07 -7.88 -8.04
N TYR B 248 14.99 -7.33 -7.50
CA TYR B 248 15.09 -6.53 -6.29
C TYR B 248 14.41 -7.26 -5.16
N LYS B 249 14.89 -7.04 -3.94
CA LYS B 249 14.20 -7.59 -2.79
C LYS B 249 13.42 -6.33 -2.41
N VAL B 250 12.11 -6.45 -2.25
CA VAL B 250 11.33 -5.28 -1.89
C VAL B 250 11.39 -5.12 -0.37
N ARG B 251 12.09 -4.09 0.07
CA ARG B 251 12.24 -3.84 1.50
C ARG B 251 11.07 -3.06 2.06
N ASP B 252 10.43 -2.25 1.24
CA ASP B 252 9.29 -1.48 1.70
C ASP B 252 8.49 -0.95 0.53
N LEU B 253 7.17 -1.01 0.65
CA LEU B 253 6.26 -0.54 -0.40
C LEU B 253 5.00 -0.03 0.27
N ARG B 254 4.80 1.28 0.21
CA ARG B 254 3.65 1.89 0.87
C ARG B 254 2.73 2.57 -0.14
N THR B 255 1.46 2.66 0.23
CA THR B 255 0.47 3.30 -0.62
C THR B 255 -0.23 4.45 0.10
N TYR B 256 -0.39 5.55 -0.62
CA TYR B 256 -1.06 6.73 -0.09
C TYR B 256 -2.30 6.94 -0.94
N ILE B 257 -3.47 6.79 -0.33
CA ILE B 257 -4.70 6.96 -1.07
C ILE B 257 -5.03 8.45 -1.22
N MET B 258 -5.02 8.91 -2.47
CA MET B 258 -5.30 10.31 -2.74
C MET B 258 -6.68 10.69 -2.22
N PRO B 259 -6.76 11.68 -1.32
CA PRO B 259 -8.03 12.13 -0.74
C PRO B 259 -8.84 13.08 -1.66
N ALA B 260 -10.15 13.14 -1.43
CA ALA B 260 -11.05 13.97 -2.23
C ALA B 260 -10.51 15.36 -2.52
N HIS B 261 -10.14 16.09 -1.47
CA HIS B 261 -9.63 17.44 -1.61
C HIS B 261 -8.47 17.57 -2.60
N LEU B 262 -7.65 16.53 -2.70
CA LEU B 262 -6.50 16.58 -3.59
C LEU B 262 -6.81 16.04 -4.98
N GLN B 263 -8.05 15.59 -5.18
CA GLN B 263 -8.49 15.06 -6.47
C GLN B 263 -8.85 16.24 -7.38
N THR B 264 -7.88 16.80 -8.09
CA THR B 264 -8.16 17.93 -8.98
C THR B 264 -8.28 17.40 -10.42
N GLY B 265 -8.93 18.16 -11.29
CA GLY B 265 -9.09 17.73 -12.67
C GLY B 265 -7.81 17.59 -13.46
N VAL B 266 -6.67 17.58 -12.79
CA VAL B 266 -5.39 17.47 -13.49
C VAL B 266 -5.04 16.02 -13.83
N ASP B 267 -5.73 15.07 -13.20
CA ASP B 267 -5.46 13.66 -13.45
C ASP B 267 -6.51 12.75 -12.83
N ASP B 268 -6.24 11.45 -12.77
CA ASP B 268 -7.20 10.54 -12.17
C ASP B 268 -6.54 9.57 -11.19
N VAL B 269 -5.37 9.94 -10.70
CA VAL B 269 -4.65 9.11 -9.73
C VAL B 269 -5.58 8.75 -8.57
N LYS B 270 -5.47 7.52 -8.11
CA LYS B 270 -6.28 7.06 -7.00
C LYS B 270 -5.40 7.02 -5.76
N GLY B 271 -4.09 7.02 -6.00
CA GLY B 271 -3.13 6.99 -4.92
C GLY B 271 -1.72 7.10 -5.44
N VAL B 272 -0.76 7.11 -4.52
CA VAL B 272 0.65 7.22 -4.86
C VAL B 272 1.36 6.11 -4.10
N PHE B 273 2.38 5.52 -4.72
CA PHE B 273 3.12 4.43 -4.07
C PHE B 273 4.58 4.80 -3.87
N PHE B 274 5.16 4.26 -2.81
CA PHE B 274 6.57 4.48 -2.53
C PHE B 274 7.20 3.13 -2.27
N ALA B 275 8.31 2.87 -2.94
CA ALA B 275 8.98 1.60 -2.75
C ALA B 275 10.46 1.72 -2.44
N TRP B 276 10.92 0.87 -1.54
CA TRP B 276 12.33 0.80 -1.18
C TRP B 276 12.77 -0.60 -1.59
N ALA B 277 13.52 -0.68 -2.68
CA ALA B 277 14.00 -1.97 -3.20
C ALA B 277 15.51 -2.01 -3.35
N GLN B 278 16.07 -3.16 -3.04
CA GLN B 278 17.52 -3.33 -3.15
C GLN B 278 17.84 -4.38 -4.20
N LYS B 279 18.71 -4.00 -5.13
CA LYS B 279 19.14 -4.88 -6.22
C LYS B 279 19.98 -6.05 -5.72
N VAL B 280 19.63 -7.26 -6.13
CA VAL B 280 20.37 -8.44 -5.72
C VAL B 280 21.46 -8.77 -6.74
#